data_8EU0
#
_entry.id   8EU0
#
_cell.length_a   68.372
_cell.length_b   68.372
_cell.length_c   214.014
_cell.angle_alpha   90.000
_cell.angle_beta   90.000
_cell.angle_gamma   120.000
#
_symmetry.space_group_name_H-M   'P 32 2 1'
#
loop_
_entity.id
_entity.type
_entity.pdbx_description
1 polymer 'Polyethylene terephthalate hydrolase'
2 non-polymer DI(HYDROXYETHYL)ETHER
3 non-polymer 'SODIUM ION'
4 non-polymer 1,2-ETHANEDIOL
5 non-polymer 'SULFATE ION'
6 water water
#
_entity_poly.entity_id   1
_entity_poly.type   'polypeptide(L)'
_entity_poly.pdbx_seq_one_letter_code
;MGSSHHHHHHSSGLVPRGSHMAANPYERGPDPTESSLEASSGPFSVSQTSVSRLSASGFGGGTIYYPTTTSEGTYGAVAI
SPGYTATQSSIAWLGPRLASHGFVVITIDTNTTFDQPDSRARQLMAALNYLVNRSSVRSRIDSSRLAVMGHSMGGGGTLR
AAEDNPSLKAAIPLTPWHTNKNWSSVRVPTLIIGAENDTIAPVSSHAKPFYNSLPSSTPKAYLELNGASHFAPNSSNTTI
GKYSIAWLKRFVDNDTRYSQFLCPAPHDDSAISEYRST(CSO)PY
;
_entity_poly.pdbx_strand_id   A,B
#
loop_
_chem_comp.id
_chem_comp.type
_chem_comp.name
_chem_comp.formula
EDO non-polymer 1,2-ETHANEDIOL 'C2 H6 O2'
NA non-polymer 'SODIUM ION' 'Na 1'
PEG non-polymer DI(HYDROXYETHYL)ETHER 'C4 H10 O3'
SO4 non-polymer 'SULFATE ION' 'O4 S -2'
#
# COMPACT_ATOMS: atom_id res chain seq x y z
N HIS A 20 5.31 18.85 42.24
CA HIS A 20 4.74 18.50 40.95
C HIS A 20 5.64 17.54 40.19
N MET A 21 5.05 16.78 39.28
CA MET A 21 5.83 15.87 38.46
C MET A 21 6.67 16.64 37.44
N ALA A 22 7.85 16.12 37.15
CA ALA A 22 8.74 16.77 36.19
C ALA A 22 8.12 16.77 34.80
N ALA A 23 8.46 17.81 34.03
CA ALA A 23 7.94 17.94 32.68
C ALA A 23 8.48 16.80 31.80
N ASN A 24 7.60 16.26 30.96
CA ASN A 24 7.97 15.17 30.06
C ASN A 24 8.60 15.74 28.79
N PRO A 25 9.90 15.51 28.58
CA PRO A 25 10.55 16.07 27.39
C PRO A 25 10.19 15.36 26.09
N TYR A 26 9.53 14.21 26.16
CA TYR A 26 9.18 13.43 24.97
C TYR A 26 7.82 13.79 24.41
N GLU A 27 7.15 14.80 24.95
CA GLU A 27 5.84 15.21 24.46
C GLU A 27 5.97 15.88 23.11
N ARG A 28 5.14 15.46 22.16
CA ARG A 28 5.13 16.03 20.82
C ARG A 28 3.70 16.35 20.41
N GLY A 29 3.55 17.43 19.63
CA GLY A 29 2.26 17.83 19.13
C GLY A 29 1.40 18.52 20.17
N PRO A 30 0.28 19.10 19.74
CA PRO A 30 -0.61 19.78 20.68
C PRO A 30 -1.39 18.82 21.56
N ASP A 31 -2.20 19.34 22.47
CA ASP A 31 -2.98 18.49 23.35
C ASP A 31 -3.99 17.69 22.53
N PRO A 32 -4.10 16.38 22.75
CA PRO A 32 -4.97 15.57 21.91
C PRO A 32 -6.43 15.67 22.31
N THR A 33 -7.30 15.43 21.33
CA THR A 33 -8.74 15.34 21.52
C THR A 33 -9.24 14.09 20.81
N GLU A 34 -10.53 13.80 21.01
CA GLU A 34 -11.12 12.65 20.34
C GLU A 34 -11.23 12.86 18.83
N SER A 35 -11.48 14.10 18.40
CA SER A 35 -11.58 14.38 16.97
C SER A 35 -10.22 14.35 16.29
N SER A 36 -9.16 14.74 17.01
CA SER A 36 -7.83 14.72 16.41
C SER A 36 -7.29 13.30 16.26
N LEU A 37 -7.64 12.41 17.19
CA LEU A 37 -7.18 11.03 17.09
C LEU A 37 -7.96 10.23 16.05
N GLU A 38 -9.25 10.52 15.89
CA GLU A 38 -10.06 9.83 14.91
C GLU A 38 -9.91 10.39 13.50
N ALA A 39 -9.20 11.51 13.35
CA ALA A 39 -9.00 12.11 12.03
C ALA A 39 -8.09 11.24 11.18
N SER A 40 -8.13 11.50 9.87
CA SER A 40 -7.31 10.73 8.94
C SER A 40 -5.83 11.03 9.09
N SER A 41 -5.48 12.26 9.46
CA SER A 41 -4.10 12.67 9.60
C SER A 41 -3.89 13.39 10.92
N GLY A 42 -2.67 13.33 11.44
CA GLY A 42 -2.31 14.01 12.66
C GLY A 42 -1.79 15.40 12.41
N PRO A 43 -1.20 16.01 13.45
CA PRO A 43 -0.71 17.39 13.31
C PRO A 43 0.64 17.52 12.64
N PHE A 44 1.30 16.42 12.28
CA PHE A 44 2.61 16.45 11.65
C PHE A 44 2.52 16.04 10.19
N SER A 45 3.22 16.77 9.33
CA SER A 45 3.36 16.37 7.94
C SER A 45 4.36 15.23 7.84
N VAL A 46 4.12 14.33 6.88
CA VAL A 46 4.87 13.09 6.76
C VAL A 46 5.57 13.05 5.41
N SER A 47 6.82 12.60 5.43
CA SER A 47 7.58 12.27 4.23
C SER A 47 7.90 10.78 4.25
N GLN A 48 8.29 10.25 3.09
CA GLN A 48 8.55 8.82 2.94
C GLN A 48 9.89 8.59 2.28
N THR A 49 10.50 7.44 2.61
CA THR A 49 11.67 6.94 1.92
C THR A 49 11.61 5.41 1.96
N SER A 50 12.18 4.79 0.94
CA SER A 50 12.07 3.35 0.76
C SER A 50 13.41 2.66 1.01
N VAL A 51 13.33 1.41 1.44
CA VAL A 51 14.49 0.55 1.66
C VAL A 51 14.31 -0.69 0.79
N SER A 52 15.29 -0.96 -0.07
CA SER A 52 15.18 -2.08 -0.98
C SER A 52 15.32 -3.41 -0.22
N ARG A 53 14.81 -4.48 -0.84
CA ARG A 53 14.86 -5.79 -0.21
C ARG A 53 16.30 -6.31 -0.13
N LEU A 54 17.11 -6.02 -1.16
CA LEU A 54 18.47 -6.55 -1.19
C LEU A 54 19.41 -5.80 -0.26
N SER A 55 19.22 -4.48 -0.09
CA SER A 55 20.06 -3.71 0.80
C SER A 55 19.66 -3.88 2.26
N ALA A 56 18.47 -4.39 2.53
CA ALA A 56 18.01 -4.59 3.91
C ALA A 56 18.60 -5.88 4.44
N SER A 57 19.36 -5.79 5.54
CA SER A 57 20.01 -6.94 6.16
C SER A 57 19.12 -7.44 7.30
N GLY A 58 18.50 -8.60 7.10
CA GLY A 58 17.65 -9.22 8.09
C GLY A 58 16.18 -9.20 7.77
N PHE A 59 15.75 -8.35 6.83
CA PHE A 59 14.36 -8.27 6.44
C PHE A 59 14.27 -7.93 4.95
N GLY A 60 13.05 -7.97 4.43
CA GLY A 60 12.85 -7.78 3.00
C GLY A 60 12.56 -6.36 2.58
N GLY A 61 13.22 -5.39 3.21
CA GLY A 61 13.01 -4.00 2.86
C GLY A 61 11.72 -3.43 3.42
N GLY A 62 11.39 -2.24 2.95
CA GLY A 62 10.16 -1.60 3.36
C GLY A 62 10.20 -0.10 3.08
N THR A 63 9.29 0.62 3.73
CA THR A 63 9.15 2.06 3.58
C THR A 63 9.19 2.71 4.96
N ILE A 64 9.90 3.83 5.04
CA ILE A 64 10.05 4.58 6.29
C ILE A 64 9.18 5.83 6.23
N TYR A 65 8.32 6.00 7.22
CA TYR A 65 7.46 7.17 7.35
C TYR A 65 7.95 7.99 8.53
N TYR A 66 8.28 9.25 8.28
CA TYR A 66 8.85 10.11 9.30
C TYR A 66 8.23 11.51 9.22
N PRO A 67 8.09 12.19 10.34
CA PRO A 67 7.61 13.58 10.31
C PRO A 67 8.62 14.49 9.62
N THR A 68 8.10 15.46 8.87
CA THR A 68 8.97 16.37 8.13
C THR A 68 9.73 17.30 9.07
N THR A 69 9.06 17.85 10.08
CA THR A 69 9.68 18.81 10.98
C THR A 69 10.43 18.10 12.09
N THR A 70 11.53 18.72 12.53
CA THR A 70 12.33 18.22 13.64
C THR A 70 12.51 19.27 14.74
N SER A 71 11.78 20.38 14.66
CA SER A 71 11.97 21.48 15.60
C SER A 71 11.48 21.16 17.02
N GLU A 72 10.78 20.05 17.20
CA GLU A 72 10.29 19.65 18.52
C GLU A 72 11.13 18.55 19.15
N GLY A 73 12.20 18.12 18.50
CA GLY A 73 13.06 17.08 19.03
C GLY A 73 12.91 15.78 18.25
N THR A 74 13.66 14.78 18.70
CA THR A 74 13.63 13.47 18.07
C THR A 74 12.34 12.74 18.44
N TYR A 75 12.07 11.66 17.71
CA TYR A 75 10.86 10.86 17.88
C TYR A 75 11.24 9.41 18.15
N GLY A 76 10.23 8.64 18.60
CA GLY A 76 10.41 7.22 18.74
C GLY A 76 10.14 6.47 17.45
N ALA A 77 10.70 5.27 17.34
CA ALA A 77 10.61 4.46 16.14
C ALA A 77 9.69 3.27 16.36
N VAL A 78 8.95 2.89 15.31
CA VAL A 78 8.03 1.77 15.35
C VAL A 78 8.24 0.93 14.09
N ALA A 79 8.34 -0.38 14.26
CA ALA A 79 8.44 -1.31 13.14
C ALA A 79 7.18 -2.16 13.08
N ILE A 80 6.59 -2.25 11.89
CA ILE A 80 5.33 -2.95 11.68
C ILE A 80 5.54 -4.07 10.67
N SER A 81 5.06 -5.27 11.01
CA SER A 81 5.22 -6.45 10.17
C SER A 81 3.88 -6.94 9.65
N PRO A 82 3.81 -7.37 8.39
CA PRO A 82 2.56 -7.93 7.88
C PRO A 82 2.36 -9.37 8.31
N GLY A 83 1.37 -10.06 7.74
CA GLY A 83 1.01 -11.40 8.13
C GLY A 83 1.37 -12.43 7.07
N TYR A 84 0.75 -13.61 7.21
CA TYR A 84 1.02 -14.73 6.32
C TYR A 84 0.59 -14.40 4.89
N THR A 85 1.50 -14.64 3.94
CA THR A 85 1.28 -14.36 2.52
C THR A 85 0.82 -12.92 2.28
N ALA A 86 1.27 -12.01 3.13
CA ALA A 86 0.91 -10.59 3.02
C ALA A 86 2.16 -9.77 2.77
N THR A 87 1.99 -8.68 2.04
CA THR A 87 3.09 -7.79 1.70
C THR A 87 2.96 -6.48 2.48
N GLN A 88 3.84 -5.53 2.16
CA GLN A 88 3.86 -4.25 2.86
C GLN A 88 2.56 -3.47 2.70
N SER A 89 1.89 -3.61 1.55
CA SER A 89 0.71 -2.81 1.26
C SER A 89 -0.46 -3.13 2.18
N SER A 90 -0.49 -4.32 2.79
CA SER A 90 -1.59 -4.67 3.67
C SER A 90 -1.55 -3.91 4.99
N ILE A 91 -0.40 -3.33 5.35
CA ILE A 91 -0.24 -2.58 6.59
C ILE A 91 0.22 -1.16 6.33
N ALA A 92 0.30 -0.74 5.06
CA ALA A 92 0.92 0.54 4.73
C ALA A 92 0.12 1.72 5.24
N TRP A 93 -1.19 1.56 5.43
CA TRP A 93 -2.03 2.67 5.89
C TRP A 93 -1.62 3.13 7.29
N LEU A 94 -1.01 2.25 8.10
CA LEU A 94 -0.54 2.65 9.42
C LEU A 94 0.68 3.56 9.35
N GLY A 95 1.39 3.56 8.23
CA GLY A 95 2.57 4.37 8.05
C GLY A 95 2.33 5.85 8.29
N PRO A 96 1.59 6.50 7.39
CA PRO A 96 1.33 7.94 7.58
C PRO A 96 0.36 8.24 8.71
N ARG A 97 -0.48 7.28 9.11
CA ARG A 97 -1.40 7.51 10.21
C ARG A 97 -0.66 7.67 11.53
N LEU A 98 0.30 6.79 11.80
CA LEU A 98 1.05 6.87 13.05
C LEU A 98 2.14 7.95 12.98
N ALA A 99 2.77 8.10 11.81
CA ALA A 99 3.86 9.06 11.69
C ALA A 99 3.36 10.51 11.83
N SER A 100 2.13 10.77 11.40
CA SER A 100 1.59 12.13 11.46
C SER A 100 1.33 12.61 12.88
N HIS A 101 1.50 11.74 13.89
CA HIS A 101 1.35 12.13 15.28
C HIS A 101 2.68 12.21 16.00
N GLY A 102 3.80 12.04 15.31
CA GLY A 102 5.11 12.17 15.93
C GLY A 102 5.83 10.86 16.15
N PHE A 103 5.96 10.06 15.09
CA PHE A 103 6.66 8.79 15.17
C PHE A 103 7.34 8.50 13.85
N VAL A 104 8.48 7.83 13.92
CA VAL A 104 9.17 7.32 12.74
C VAL A 104 8.74 5.86 12.57
N VAL A 105 8.00 5.58 11.51
CA VAL A 105 7.40 4.27 11.30
C VAL A 105 8.03 3.63 10.07
N ILE A 106 8.37 2.36 10.18
CA ILE A 106 8.85 1.56 9.06
C ILE A 106 7.94 0.35 8.91
N THR A 107 7.23 0.28 7.79
CA THR A 107 6.51 -0.93 7.40
C THR A 107 7.47 -1.81 6.63
N ILE A 108 7.54 -3.09 7.00
CA ILE A 108 8.55 -3.98 6.45
C ILE A 108 7.89 -5.05 5.60
N ASP A 109 8.69 -5.63 4.70
CA ASP A 109 8.37 -6.86 4.03
C ASP A 109 9.24 -7.97 4.62
N THR A 110 8.70 -9.19 4.64
CA THR A 110 9.46 -10.32 5.14
C THR A 110 10.33 -10.92 4.03
N ASN A 111 11.32 -11.71 4.44
CA ASN A 111 12.19 -12.36 3.47
C ASN A 111 11.38 -13.23 2.52
N THR A 112 10.48 -14.05 3.06
CA THR A 112 9.49 -14.77 2.28
C THR A 112 8.11 -14.48 2.85
N THR A 113 7.09 -14.59 2.01
CA THR A 113 5.72 -14.35 2.46
C THR A 113 5.20 -15.46 3.38
N PHE A 114 5.94 -16.55 3.52
CA PHE A 114 5.52 -17.68 4.34
C PHE A 114 6.27 -17.75 5.67
N ASP A 115 6.99 -16.70 6.05
CA ASP A 115 7.77 -16.72 7.28
C ASP A 115 6.86 -16.86 8.50
N GLN A 116 7.25 -17.73 9.41
CA GLN A 116 6.48 -18.00 10.62
C GLN A 116 6.69 -16.87 11.63
N PRO A 117 5.84 -16.80 12.67
CA PRO A 117 5.95 -15.69 13.64
C PRO A 117 7.33 -15.51 14.25
N ASP A 118 8.00 -16.60 14.63
CA ASP A 118 9.32 -16.47 15.25
C ASP A 118 10.34 -15.88 14.28
N SER A 119 10.19 -16.14 12.98
CA SER A 119 11.07 -15.54 12.00
C SER A 119 10.78 -14.05 11.82
N ARG A 120 9.50 -13.67 11.87
CA ARG A 120 9.13 -12.27 11.74
C ARG A 120 9.57 -11.44 12.94
N ALA A 121 9.74 -12.07 14.10
CA ALA A 121 10.25 -11.34 15.26
C ALA A 121 11.68 -10.87 15.04
N ARG A 122 12.51 -11.73 14.44
CA ARG A 122 13.89 -11.34 14.15
C ARG A 122 13.94 -10.23 13.11
N GLN A 123 13.04 -10.25 12.12
CA GLN A 123 13.03 -9.23 11.09
C GLN A 123 12.51 -7.90 11.61
N LEU A 124 11.70 -7.91 12.67
CA LEU A 124 11.26 -6.65 13.27
C LEU A 124 12.42 -5.93 13.95
N MET A 125 13.21 -6.66 14.74
CA MET A 125 14.37 -6.06 15.39
C MET A 125 15.45 -5.68 14.39
N ALA A 126 15.61 -6.45 13.31
CA ALA A 126 16.54 -6.08 12.26
C ALA A 126 16.13 -4.78 11.58
N ALA A 127 14.82 -4.55 11.43
CA ALA A 127 14.35 -3.29 10.85
C ALA A 127 14.60 -2.13 11.80
N LEU A 128 14.40 -2.34 13.10
CA LEU A 128 14.72 -1.30 14.07
C LEU A 128 16.22 -1.03 14.10
N ASN A 129 17.03 -2.08 13.94
CA ASN A 129 18.48 -1.90 13.89
C ASN A 129 18.88 -1.07 12.67
N TYR A 130 18.20 -1.27 11.55
CA TYR A 130 18.48 -0.46 10.37
C TYR A 130 18.06 0.99 10.58
N LEU A 131 16.92 1.22 11.25
CA LEU A 131 16.44 2.58 11.47
C LEU A 131 17.42 3.38 12.32
N VAL A 132 18.05 2.74 13.29
CA VAL A 132 18.91 3.45 14.23
C VAL A 132 20.31 3.65 13.66
N ASN A 133 20.83 2.65 12.93
CA ASN A 133 22.24 2.65 12.55
C ASN A 133 22.49 3.00 11.10
N ARG A 134 21.59 2.62 10.17
CA ARG A 134 21.87 2.76 8.75
C ARG A 134 20.88 3.65 8.00
N SER A 135 19.69 3.90 8.54
CA SER A 135 18.68 4.66 7.81
C SER A 135 19.12 6.11 7.63
N SER A 136 18.55 6.74 6.61
CA SER A 136 18.83 8.15 6.33
C SER A 136 18.11 9.10 7.28
N VAL A 137 17.23 8.58 8.13
CA VAL A 137 16.49 9.40 9.08
C VAL A 137 16.88 9.06 10.53
N ARG A 138 18.07 8.46 10.71
CA ARG A 138 18.50 8.05 12.04
C ARG A 138 18.72 9.24 12.96
N SER A 139 18.98 10.43 12.42
CA SER A 139 19.15 11.62 13.25
C SER A 139 17.84 12.11 13.84
N ARG A 140 16.70 11.65 13.32
CA ARG A 140 15.39 12.05 13.82
C ARG A 140 14.81 11.04 14.81
N ILE A 141 15.55 10.00 15.16
CA ILE A 141 15.04 8.90 15.97
C ILE A 141 15.75 8.89 17.32
N ASP A 142 14.98 8.71 18.39
CA ASP A 142 15.51 8.45 19.72
C ASP A 142 15.70 6.94 19.83
N SER A 143 16.96 6.49 19.81
CA SER A 143 17.26 5.07 19.78
C SER A 143 16.79 4.34 21.04
N SER A 144 16.61 5.05 22.14
CA SER A 144 16.22 4.43 23.41
C SER A 144 14.71 4.23 23.53
N ARG A 145 13.93 4.64 22.54
CA ARG A 145 12.47 4.57 22.59
C ARG A 145 11.96 3.93 21.29
N LEU A 146 11.82 2.61 21.29
CA LEU A 146 11.39 1.87 20.11
C LEU A 146 10.17 1.02 20.45
N ALA A 147 9.45 0.63 19.41
CA ALA A 147 8.25 -0.19 19.57
C ALA A 147 8.11 -1.10 18.37
N VAL A 148 7.23 -2.11 18.50
CA VAL A 148 7.01 -3.10 17.46
C VAL A 148 5.51 -3.32 17.30
N MET A 149 5.08 -3.52 16.06
CA MET A 149 3.68 -3.81 15.74
C MET A 149 3.65 -4.88 14.65
N GLY A 150 2.49 -5.51 14.50
CA GLY A 150 2.35 -6.55 13.49
C GLY A 150 0.93 -7.04 13.38
N HIS A 151 0.62 -7.58 12.21
CA HIS A 151 -0.71 -8.14 11.91
C HIS A 151 -0.58 -9.64 11.73
N SER A 152 -1.45 -10.39 12.42
CA SER A 152 -1.56 -11.85 12.29
C SER A 152 -0.24 -12.46 12.71
N MET A 153 0.49 -13.16 11.83
CA MET A 153 1.78 -13.72 12.23
C MET A 153 2.77 -12.63 12.59
N GLY A 154 2.64 -11.45 11.99
CA GLY A 154 3.42 -10.30 12.45
C GLY A 154 3.09 -9.92 13.87
N GLY A 155 1.82 -10.07 14.26
CA GLY A 155 1.46 -9.87 15.65
C GLY A 155 2.05 -10.92 16.57
N GLY A 156 2.15 -12.16 16.09
CA GLY A 156 2.85 -13.18 16.85
C GLY A 156 4.34 -12.88 16.95
N GLY A 157 4.95 -12.39 15.88
CA GLY A 157 6.32 -11.94 15.95
C GLY A 157 6.50 -10.73 16.83
N THR A 158 5.46 -9.89 16.95
CA THR A 158 5.52 -8.75 17.86
C THR A 158 5.63 -9.22 19.31
N LEU A 159 4.85 -10.24 19.69
CA LEU A 159 4.92 -10.76 21.05
C LEU A 159 6.28 -11.40 21.33
N ARG A 160 6.82 -12.14 20.35
CA ARG A 160 8.12 -12.77 20.54
C ARG A 160 9.23 -11.74 20.61
N ALA A 161 9.13 -10.66 19.82
CA ALA A 161 10.13 -9.61 19.87
C ALA A 161 10.11 -8.89 21.22
N ALA A 162 8.92 -8.63 21.75
CA ALA A 162 8.82 -7.98 23.05
C ALA A 162 9.36 -8.88 24.17
N GLU A 163 9.11 -10.18 24.07
CA GLU A 163 9.60 -11.10 25.09
C GLU A 163 11.13 -11.20 25.07
N ASP A 164 11.72 -11.21 23.88
CA ASP A 164 13.16 -11.35 23.74
C ASP A 164 13.92 -10.03 23.79
N ASN A 165 13.22 -8.90 23.74
CA ASN A 165 13.83 -7.58 23.79
C ASN A 165 13.06 -6.73 24.79
N PRO A 166 13.36 -6.86 26.09
CA PRO A 166 12.61 -6.12 27.12
C PRO A 166 12.86 -4.62 27.09
N SER A 167 13.85 -4.14 26.34
CA SER A 167 14.12 -2.72 26.26
C SER A 167 13.08 -1.98 25.42
N LEU A 168 12.25 -2.69 24.66
CA LEU A 168 11.22 -2.05 23.85
C LEU A 168 10.23 -1.32 24.75
N LYS A 169 9.65 -0.24 24.22
CA LYS A 169 8.74 0.59 25.00
C LYS A 169 7.28 0.20 24.84
N ALA A 170 6.90 -0.36 23.69
CA ALA A 170 5.51 -0.74 23.44
C ALA A 170 5.47 -1.86 22.42
N ALA A 171 4.30 -2.50 22.34
CA ALA A 171 4.07 -3.59 21.40
C ALA A 171 2.58 -3.70 21.15
N ILE A 172 2.19 -3.74 19.88
CA ILE A 172 0.77 -3.79 19.52
C ILE A 172 0.53 -4.93 18.53
N PRO A 173 0.20 -6.14 19.01
CA PRO A 173 -0.19 -7.21 18.09
C PRO A 173 -1.62 -7.01 17.59
N LEU A 174 -1.80 -7.07 16.27
CA LEU A 174 -3.09 -6.86 15.64
C LEU A 174 -3.61 -8.21 15.13
N THR A 175 -4.69 -8.68 15.74
CA THR A 175 -5.23 -10.02 15.49
C THR A 175 -4.12 -11.06 15.44
N PRO A 176 -3.36 -11.21 16.52
CA PRO A 176 -2.12 -12.00 16.45
C PRO A 176 -2.37 -13.48 16.28
N TRP A 177 -1.36 -14.15 15.71
CA TRP A 177 -1.37 -15.59 15.46
C TRP A 177 -0.04 -16.16 15.89
N HIS A 178 -0.07 -17.17 16.76
CA HIS A 178 1.14 -17.82 17.23
C HIS A 178 0.79 -19.15 17.85
N THR A 179 1.65 -20.15 17.63
CA THR A 179 1.46 -21.45 18.25
C THR A 179 1.79 -21.42 19.74
N ASN A 180 2.68 -20.51 20.15
CA ASN A 180 3.02 -20.36 21.55
C ASN A 180 1.97 -19.48 22.24
N LYS A 181 1.35 -20.00 23.29
CA LYS A 181 0.35 -19.26 24.05
C LYS A 181 0.89 -18.68 25.34
N ASN A 182 2.14 -18.99 25.71
CA ASN A 182 2.73 -18.55 26.96
C ASN A 182 3.58 -17.31 26.69
N TRP A 183 3.17 -16.17 27.25
CA TRP A 183 3.90 -14.92 27.14
C TRP A 183 4.09 -14.32 28.53
N SER A 184 4.43 -15.16 29.51
CA SER A 184 4.55 -14.76 30.90
C SER A 184 5.84 -14.01 31.20
N SER A 185 6.72 -13.83 30.22
CA SER A 185 7.96 -13.09 30.41
C SER A 185 7.96 -11.75 29.71
N VAL A 186 6.85 -11.34 29.10
CA VAL A 186 6.79 -10.08 28.38
C VAL A 186 6.73 -8.94 29.38
N ARG A 187 7.73 -8.05 29.33
CA ARG A 187 7.79 -6.89 30.20
C ARG A 187 7.45 -5.59 29.46
N VAL A 188 7.08 -5.67 28.20
CA VAL A 188 6.80 -4.51 27.37
C VAL A 188 5.31 -4.23 27.40
N PRO A 189 4.87 -2.99 27.59
CA PRO A 189 3.44 -2.68 27.54
C PRO A 189 2.82 -3.10 26.21
N THR A 190 1.84 -4.01 26.29
CA THR A 190 1.30 -4.68 25.11
C THR A 190 -0.19 -4.40 24.99
N LEU A 191 -0.61 -3.92 23.82
CA LEU A 191 -2.02 -3.72 23.49
C LEU A 191 -2.38 -4.73 22.40
N ILE A 192 -3.20 -5.70 22.75
CA ILE A 192 -3.64 -6.74 21.83
C ILE A 192 -5.00 -6.33 21.27
N ILE A 193 -5.09 -6.25 19.93
CA ILE A 193 -6.34 -5.92 19.25
C ILE A 193 -6.82 -7.16 18.53
N GLY A 194 -7.98 -7.67 18.94
CA GLY A 194 -8.55 -8.85 18.32
C GLY A 194 -9.83 -8.58 17.56
N ALA A 195 -10.21 -9.51 16.68
CA ALA A 195 -11.43 -9.42 15.91
C ALA A 195 -12.42 -10.46 16.43
N GLU A 196 -13.65 -10.02 16.70
CA GLU A 196 -14.64 -10.90 17.31
C GLU A 196 -14.91 -12.13 16.44
N ASN A 197 -15.13 -11.91 15.15
CA ASN A 197 -15.46 -13.00 14.23
C ASN A 197 -14.24 -13.52 13.47
N ASP A 198 -13.06 -13.42 14.07
CA ASP A 198 -11.85 -13.92 13.43
C ASP A 198 -11.93 -15.43 13.27
N THR A 199 -11.85 -15.88 12.02
CA THR A 199 -11.89 -17.31 11.71
C THR A 199 -10.51 -17.88 11.37
N ILE A 200 -9.52 -17.02 11.16
CA ILE A 200 -8.15 -17.48 10.87
C ILE A 200 -7.32 -17.57 12.13
N ALA A 201 -7.37 -16.54 12.97
CA ALA A 201 -6.72 -16.52 14.27
C ALA A 201 -7.80 -16.25 15.32
N PRO A 202 -8.58 -17.27 15.68
CA PRO A 202 -9.70 -17.04 16.61
C PRO A 202 -9.20 -16.51 17.95
N VAL A 203 -9.89 -15.50 18.46
CA VAL A 203 -9.49 -14.88 19.72
C VAL A 203 -9.59 -15.84 20.88
N SER A 204 -10.47 -16.85 20.77
CA SER A 204 -10.62 -17.82 21.86
C SER A 204 -9.36 -18.66 22.04
N SER A 205 -8.57 -18.84 20.97
CA SER A 205 -7.35 -19.63 21.05
C SER A 205 -6.09 -18.81 20.76
N HIS A 206 -6.23 -17.51 20.48
CA HIS A 206 -5.07 -16.71 20.16
C HIS A 206 -5.02 -15.44 21.01
N ALA A 207 -5.76 -14.40 20.61
CA ALA A 207 -5.63 -13.09 21.21
C ALA A 207 -5.93 -13.13 22.71
N LYS A 208 -7.03 -13.79 23.11
CA LYS A 208 -7.39 -13.82 24.52
C LYS A 208 -6.40 -14.64 25.34
N PRO A 209 -5.99 -15.85 24.93
CA PRO A 209 -4.93 -16.54 25.70
C PRO A 209 -3.63 -15.76 25.77
N PHE A 210 -3.29 -15.00 24.72
CA PHE A 210 -2.09 -14.17 24.78
C PHE A 210 -2.21 -13.10 25.87
N TYR A 211 -3.36 -12.44 25.92
CA TYR A 211 -3.58 -11.39 26.92
C TYR A 211 -3.57 -11.96 28.33
N ASN A 212 -4.24 -13.10 28.54
CA ASN A 212 -4.31 -13.69 29.87
C ASN A 212 -2.95 -14.16 30.35
N SER A 213 -2.06 -14.57 29.44
CA SER A 213 -0.75 -15.07 29.82
C SER A 213 0.24 -13.96 30.16
N LEU A 214 -0.04 -12.72 29.74
CA LEU A 214 0.85 -11.61 30.06
C LEU A 214 0.92 -11.41 31.57
N PRO A 215 2.07 -11.01 32.09
CA PRO A 215 2.21 -10.85 33.54
C PRO A 215 1.33 -9.74 34.08
N SER A 216 0.92 -9.91 35.34
CA SER A 216 0.08 -8.89 35.98
C SER A 216 0.82 -7.60 36.22
N SER A 217 2.15 -7.63 36.30
CA SER A 217 2.96 -6.44 36.51
C SER A 217 3.26 -5.70 35.21
N THR A 218 2.80 -6.20 34.07
CA THR A 218 3.06 -5.55 32.79
C THR A 218 1.82 -4.81 32.33
N PRO A 219 1.92 -3.53 31.99
CA PRO A 219 0.76 -2.82 31.43
C PRO A 219 0.26 -3.52 30.17
N LYS A 220 -1.04 -3.78 30.11
CA LYS A 220 -1.60 -4.54 29.02
C LYS A 220 -3.06 -4.15 28.82
N ALA A 221 -3.54 -4.35 27.60
CA ALA A 221 -4.92 -4.09 27.26
C ALA A 221 -5.34 -5.00 26.11
N TYR A 222 -6.62 -5.38 26.11
CA TYR A 222 -7.18 -6.20 25.05
C TYR A 222 -8.39 -5.49 24.48
N LEU A 223 -8.32 -5.16 23.19
CA LEU A 223 -9.41 -4.52 22.47
C LEU A 223 -9.96 -5.51 21.45
N GLU A 224 -11.26 -5.79 21.53
CA GLU A 224 -11.93 -6.68 20.59
C GLU A 224 -12.85 -5.85 19.71
N LEU A 225 -12.63 -5.93 18.40
CA LEU A 225 -13.46 -5.20 17.45
C LEU A 225 -14.77 -5.93 17.21
N ASN A 226 -15.88 -5.20 17.30
CA ASN A 226 -17.20 -5.81 17.19
C ASN A 226 -17.45 -6.28 15.76
N GLY A 227 -17.75 -7.56 15.60
CA GLY A 227 -18.13 -8.12 14.31
C GLY A 227 -17.08 -8.00 13.23
N ALA A 228 -15.83 -7.81 13.59
CA ALA A 228 -14.76 -7.63 12.61
C ALA A 228 -14.18 -8.97 12.18
N SER A 229 -13.58 -8.99 11.00
CA SER A 229 -12.95 -10.17 10.45
C SER A 229 -11.43 -10.10 10.68
N HIS A 230 -10.74 -11.16 10.26
CA HIS A 230 -9.30 -11.24 10.46
C HIS A 230 -8.57 -10.13 9.70
N PHE A 231 -9.13 -9.66 8.60
CA PHE A 231 -8.48 -8.67 7.74
C PHE A 231 -8.94 -7.24 8.04
N ALA A 232 -9.55 -7.02 9.21
CA ALA A 232 -9.90 -5.66 9.61
C ALA A 232 -8.69 -4.73 9.70
N PRO A 233 -7.52 -5.14 10.22
CA PRO A 233 -6.38 -4.21 10.24
C PRO A 233 -5.79 -3.91 8.87
N ASN A 234 -6.22 -4.58 7.81
CA ASN A 234 -5.67 -4.35 6.48
C ASN A 234 -6.30 -3.16 5.76
N SER A 235 -7.24 -2.46 6.40
CA SER A 235 -7.83 -1.26 5.84
C SER A 235 -7.86 -0.18 6.91
N SER A 236 -8.11 1.06 6.48
CA SER A 236 -8.18 2.17 7.41
C SER A 236 -9.28 1.95 8.44
N ASN A 237 -8.88 1.89 9.71
CA ASN A 237 -9.80 1.59 10.80
C ASN A 237 -9.66 2.67 11.86
N THR A 238 -10.77 3.35 12.18
CA THR A 238 -10.74 4.42 13.16
C THR A 238 -10.38 3.91 14.54
N THR A 239 -10.93 2.77 14.94
CA THR A 239 -10.66 2.23 16.27
C THR A 239 -9.22 1.78 16.41
N ILE A 240 -8.71 1.05 15.41
CA ILE A 240 -7.33 0.59 15.45
C ILE A 240 -6.37 1.78 15.46
N GLY A 241 -6.66 2.79 14.64
CA GLY A 241 -5.77 3.93 14.56
C GLY A 241 -5.75 4.76 15.84
N LYS A 242 -6.92 5.00 16.43
CA LYS A 242 -6.99 5.85 17.61
C LYS A 242 -6.27 5.22 18.80
N TYR A 243 -6.49 3.92 19.03
CA TYR A 243 -5.93 3.28 20.20
C TYR A 243 -4.46 2.92 20.02
N SER A 244 -4.02 2.72 18.77
CA SER A 244 -2.59 2.52 18.53
C SER A 244 -1.81 3.80 18.79
N ILE A 245 -2.35 4.94 18.35
CA ILE A 245 -1.70 6.22 18.63
C ILE A 245 -1.64 6.47 20.12
N ALA A 246 -2.77 6.23 20.81
CA ALA A 246 -2.82 6.47 22.25
C ALA A 246 -1.86 5.55 23.01
N TRP A 247 -1.78 4.29 22.59
CA TRP A 247 -0.88 3.35 23.26
C TRP A 247 0.57 3.70 23.02
N LEU A 248 0.93 4.01 21.78
CA LEU A 248 2.31 4.38 21.47
C LEU A 248 2.68 5.69 22.17
N LYS A 249 1.77 6.67 22.16
CA LYS A 249 2.04 7.93 22.85
C LYS A 249 2.22 7.71 24.35
N ARG A 250 1.39 6.83 24.94
CA ARG A 250 1.42 6.65 26.39
C ARG A 250 2.70 5.99 26.86
N PHE A 251 3.28 5.10 26.08
CA PHE A 251 4.40 4.29 26.54
C PHE A 251 5.71 4.56 25.80
N VAL A 252 5.68 4.86 24.50
CA VAL A 252 6.91 5.21 23.81
C VAL A 252 7.34 6.62 24.21
N ASP A 253 6.37 7.53 24.38
CA ASP A 253 6.65 8.91 24.75
C ASP A 253 6.39 9.20 26.22
N ASN A 254 5.85 8.24 26.97
CA ASN A 254 5.43 8.45 28.35
C ASN A 254 4.41 9.59 28.46
N ASP A 255 3.65 9.80 27.39
CA ASP A 255 2.72 10.93 27.30
C ASP A 255 1.42 10.57 28.01
N THR A 256 1.27 11.05 29.24
CA THR A 256 0.06 10.80 30.01
C THR A 256 -1.14 11.59 29.51
N ARG A 257 -0.95 12.51 28.57
CA ARG A 257 -2.07 13.21 27.97
C ARG A 257 -2.96 12.28 27.15
N TYR A 258 -2.46 11.10 26.79
CA TYR A 258 -3.22 10.14 26.00
C TYR A 258 -3.82 9.02 26.85
N SER A 259 -3.68 9.10 28.17
CA SER A 259 -4.32 8.11 29.03
C SER A 259 -5.83 8.22 29.03
N GLN A 260 -6.37 9.38 28.66
CA GLN A 260 -7.81 9.57 28.64
C GLN A 260 -8.51 8.72 27.60
N PHE A 261 -7.78 8.21 26.61
CA PHE A 261 -8.37 7.41 25.53
C PHE A 261 -8.23 5.92 25.77
N LEU A 262 -7.70 5.51 26.93
CA LEU A 262 -7.38 4.11 27.18
C LEU A 262 -8.28 3.47 28.23
N CYS A 263 -9.43 4.09 28.48
N CYS A 263 -9.42 4.10 28.53
CA CYS A 263 -10.38 3.56 29.49
CA CYS A 263 -10.38 3.50 29.50
C CYS A 263 -11.79 3.67 28.91
C CYS A 263 -11.80 3.63 28.94
N PRO A 264 -12.11 2.98 27.80
CA PRO A 264 -13.42 3.14 27.15
C PRO A 264 -14.48 2.25 27.81
N ALA A 265 -15.73 2.54 27.46
CA ALA A 265 -16.86 1.70 27.82
C ALA A 265 -17.34 0.99 26.56
N PRO A 266 -17.22 -0.33 26.46
CA PRO A 266 -17.62 -1.01 25.22
C PRO A 266 -19.07 -0.80 24.84
N HIS A 267 -19.97 -0.63 25.82
N HIS A 267 -19.97 -0.63 25.82
CA HIS A 267 -21.37 -0.39 25.53
CA HIS A 267 -21.37 -0.40 25.52
C HIS A 267 -21.62 0.98 24.92
C HIS A 267 -21.63 0.99 24.95
N ASP A 268 -20.64 1.89 24.96
CA ASP A 268 -20.78 3.22 24.39
C ASP A 268 -20.12 3.35 23.03
N ASP A 269 -19.47 2.28 22.53
CA ASP A 269 -18.82 2.29 21.23
C ASP A 269 -19.29 1.07 20.45
N SER A 270 -19.99 1.31 19.34
CA SER A 270 -20.49 0.21 18.53
C SER A 270 -19.37 -0.58 17.86
N ALA A 271 -18.19 0.01 17.73
CA ALA A 271 -17.05 -0.68 17.11
C ALA A 271 -16.28 -1.56 18.08
N ILE A 272 -16.52 -1.43 19.38
CA ILE A 272 -15.81 -2.20 20.40
C ILE A 272 -16.81 -3.13 21.06
N SER A 273 -16.50 -4.44 21.03
CA SER A 273 -17.34 -5.43 21.70
C SER A 273 -16.77 -5.90 23.02
N GLU A 274 -15.49 -5.61 23.31
CA GLU A 274 -14.86 -6.01 24.55
C GLU A 274 -13.64 -5.15 24.77
N TYR A 275 -13.33 -4.92 26.05
CA TYR A 275 -12.11 -4.19 26.41
C TYR A 275 -11.68 -4.59 27.81
N ARG A 276 -10.48 -5.12 27.93
CA ARG A 276 -9.84 -5.39 29.21
C ARG A 276 -8.54 -4.61 29.29
N SER A 277 -8.16 -4.21 30.50
CA SER A 277 -6.94 -3.44 30.68
C SER A 277 -6.50 -3.51 32.13
N THR A 278 -5.19 -3.63 32.35
CA THR A 278 -4.60 -3.57 33.68
C THR A 278 -3.38 -2.68 33.65
N CSO A 279 -3.40 -1.61 34.44
CA CSO A 279 -2.21 -0.76 34.57
CB CSO A 279 -2.50 0.68 34.14
SG CSO A 279 -3.43 0.69 32.60
C CSO A 279 -1.61 -0.78 35.98
O CSO A 279 -2.25 -0.34 36.93
OD CSO A 279 -2.88 2.03 31.56
N PRO A 280 -0.39 -1.30 36.08
CA PRO A 280 0.41 -1.34 37.32
C PRO A 280 1.10 -0.01 37.60
N TYR A 281 1.57 0.66 36.56
CA TYR A 281 2.22 1.95 36.72
C TYR A 281 1.83 2.93 35.60
N HIS B 20 -30.68 16.08 -19.56
CA HIS B 20 -29.47 15.98 -18.74
C HIS B 20 -28.39 15.19 -19.45
N MET B 21 -27.23 15.07 -18.82
CA MET B 21 -26.15 14.27 -19.38
C MET B 21 -26.58 12.82 -19.48
N ALA B 22 -26.37 12.22 -20.65
CA ALA B 22 -26.79 10.85 -20.88
C ALA B 22 -26.08 9.90 -19.93
N ALA B 23 -26.79 8.86 -19.51
CA ALA B 23 -26.23 7.87 -18.60
C ALA B 23 -25.08 7.13 -19.28
N ASN B 24 -24.03 6.86 -18.52
CA ASN B 24 -22.86 6.17 -19.02
C ASN B 24 -23.09 4.67 -19.02
N PRO B 25 -23.17 4.03 -20.20
CA PRO B 25 -23.41 2.58 -20.24
C PRO B 25 -22.19 1.75 -19.85
N TYR B 26 -21.02 2.35 -19.70
CA TYR B 26 -19.80 1.62 -19.39
C TYR B 26 -19.50 1.58 -17.89
N GLU B 27 -20.40 2.11 -17.06
CA GLU B 27 -20.18 2.10 -15.62
C GLU B 27 -20.32 0.68 -15.06
N ARG B 28 -19.33 0.25 -14.27
CA ARG B 28 -19.34 -1.06 -13.67
C ARG B 28 -19.05 -0.92 -12.17
N GLY B 29 -19.70 -1.78 -11.38
CA GLY B 29 -19.46 -1.81 -9.95
C GLY B 29 -20.20 -0.71 -9.22
N PRO B 30 -20.17 -0.76 -7.89
CA PRO B 30 -20.87 0.27 -7.10
C PRO B 30 -20.13 1.59 -7.08
N ASP B 31 -20.70 2.58 -6.39
CA ASP B 31 -20.05 3.88 -6.30
C ASP B 31 -18.75 3.76 -5.54
N PRO B 32 -17.65 4.31 -6.06
CA PRO B 32 -16.34 4.11 -5.41
C PRO B 32 -16.14 5.01 -4.21
N THR B 33 -15.35 4.51 -3.26
CA THR B 33 -14.87 5.26 -2.12
C THR B 33 -13.35 5.20 -2.09
N GLU B 34 -12.75 6.05 -1.25
CA GLU B 34 -11.29 6.07 -1.15
C GLU B 34 -10.75 4.77 -0.60
N SER B 35 -11.42 4.19 0.40
CA SER B 35 -10.95 2.94 0.98
C SER B 35 -11.20 1.75 0.03
N SER B 36 -12.24 1.84 -0.79
CA SER B 36 -12.50 0.75 -1.74
C SER B 36 -11.42 0.68 -2.82
N LEU B 37 -10.83 1.82 -3.18
CA LEU B 37 -9.75 1.81 -4.15
C LEU B 37 -8.42 1.44 -3.51
N GLU B 38 -8.26 1.72 -2.21
CA GLU B 38 -7.03 1.40 -1.51
C GLU B 38 -6.95 -0.07 -1.09
N ALA B 39 -8.07 -0.78 -1.11
CA ALA B 39 -8.08 -2.17 -0.69
C ALA B 39 -7.34 -3.05 -1.70
N SER B 40 -6.96 -4.25 -1.25
CA SER B 40 -6.21 -5.16 -2.10
C SER B 40 -7.08 -5.78 -3.19
N SER B 41 -8.40 -5.78 -3.02
CA SER B 41 -9.30 -6.39 -3.99
C SER B 41 -10.50 -5.49 -4.21
N GLY B 42 -11.01 -5.50 -5.43
CA GLY B 42 -12.19 -4.74 -5.79
C GLY B 42 -13.46 -5.54 -5.57
N PRO B 43 -14.58 -5.03 -6.09
CA PRO B 43 -15.87 -5.70 -5.85
C PRO B 43 -16.15 -6.89 -6.77
N PHE B 44 -15.28 -7.19 -7.72
CA PHE B 44 -15.51 -8.27 -8.68
C PHE B 44 -14.60 -9.46 -8.36
N SER B 45 -15.18 -10.65 -8.43
CA SER B 45 -14.38 -11.87 -8.32
C SER B 45 -13.57 -12.08 -9.59
N VAL B 46 -12.32 -12.49 -9.43
CA VAL B 46 -11.37 -12.59 -10.53
C VAL B 46 -11.02 -14.06 -10.76
N SER B 47 -10.86 -14.43 -12.02
CA SER B 47 -10.34 -15.72 -12.44
C SER B 47 -9.13 -15.50 -13.33
N GLN B 48 -8.39 -16.58 -13.59
CA GLN B 48 -7.16 -16.50 -14.36
C GLN B 48 -7.14 -17.55 -15.45
N THR B 49 -6.47 -17.21 -16.55
CA THR B 49 -6.18 -18.15 -17.62
C THR B 49 -4.91 -17.69 -18.31
N SER B 50 -4.16 -18.64 -18.85
CA SER B 50 -2.83 -18.38 -19.39
C SER B 50 -2.77 -18.73 -20.87
N VAL B 51 -1.90 -18.03 -21.58
CA VAL B 51 -1.59 -18.31 -22.98
C VAL B 51 -0.10 -18.58 -23.09
N SER B 52 0.26 -19.68 -23.74
CA SER B 52 1.66 -20.09 -23.80
C SER B 52 2.47 -19.14 -24.70
N ARG B 53 3.78 -19.25 -24.60
CA ARG B 53 4.68 -18.42 -25.40
C ARG B 53 4.53 -18.73 -26.89
N LEU B 54 4.33 -20.01 -27.22
CA LEU B 54 4.21 -20.40 -28.62
C LEU B 54 2.88 -19.95 -29.21
N SER B 55 1.79 -20.11 -28.46
CA SER B 55 0.47 -19.73 -28.95
C SER B 55 0.28 -18.22 -29.02
N ALA B 56 1.17 -17.44 -28.42
CA ALA B 56 1.07 -15.98 -28.42
C ALA B 56 1.77 -15.44 -29.66
N SER B 57 1.00 -14.97 -30.63
CA SER B 57 1.55 -14.41 -31.86
C SER B 57 1.88 -12.95 -31.62
N GLY B 58 3.18 -12.62 -31.63
CA GLY B 58 3.64 -11.26 -31.45
C GLY B 58 4.22 -10.96 -30.08
N PHE B 59 4.07 -11.86 -29.11
CA PHE B 59 4.61 -11.65 -27.77
C PHE B 59 4.90 -13.02 -27.16
N GLY B 60 5.45 -13.00 -25.95
CA GLY B 60 5.91 -14.22 -25.32
C GLY B 60 4.95 -14.82 -24.30
N GLY B 61 3.66 -14.76 -24.58
CA GLY B 61 2.66 -15.31 -23.68
C GLY B 61 2.25 -14.32 -22.61
N GLY B 62 1.38 -14.80 -21.73
CA GLY B 62 0.91 -13.96 -20.64
C GLY B 62 -0.20 -14.64 -19.88
N THR B 63 -0.56 -14.00 -18.76
CA THR B 63 -1.65 -14.44 -17.92
C THR B 63 -2.80 -13.45 -18.01
N ILE B 64 -4.01 -13.97 -18.24
CA ILE B 64 -5.20 -13.14 -18.44
C ILE B 64 -6.02 -13.16 -17.16
N TYR B 65 -6.27 -11.98 -16.60
CA TYR B 65 -7.13 -11.81 -15.45
C TYR B 65 -8.44 -11.16 -15.90
N TYR B 66 -9.56 -11.70 -15.45
CA TYR B 66 -10.85 -11.22 -15.91
C TYR B 66 -11.89 -11.40 -14.81
N PRO B 67 -12.89 -10.53 -14.74
CA PRO B 67 -13.98 -10.73 -13.78
C PRO B 67 -14.90 -11.85 -14.22
N THR B 68 -15.37 -12.64 -13.25
CA THR B 68 -16.27 -13.74 -13.54
C THR B 68 -17.70 -13.27 -13.81
N THR B 69 -18.05 -12.07 -13.37
CA THR B 69 -19.41 -11.57 -13.55
C THR B 69 -19.57 -10.98 -14.95
N THR B 70 -20.67 -11.34 -15.62
CA THR B 70 -21.00 -10.80 -16.94
C THR B 70 -22.37 -10.14 -16.97
N SER B 71 -23.06 -10.03 -15.83
CA SER B 71 -24.42 -9.50 -15.84
C SER B 71 -24.46 -8.00 -16.08
N GLU B 72 -23.38 -7.29 -15.75
CA GLU B 72 -23.33 -5.85 -15.91
C GLU B 72 -22.86 -5.42 -17.29
N GLY B 73 -22.45 -6.36 -18.14
CA GLY B 73 -21.98 -6.06 -19.47
C GLY B 73 -20.49 -6.35 -19.63
N THR B 74 -20.00 -6.09 -20.83
CA THR B 74 -18.60 -6.33 -21.14
C THR B 74 -17.71 -5.28 -20.47
N TYR B 75 -16.42 -5.57 -20.43
CA TYR B 75 -15.43 -4.70 -19.82
C TYR B 75 -14.39 -4.29 -20.84
N GLY B 76 -13.53 -3.34 -20.44
CA GLY B 76 -12.40 -2.96 -21.25
C GLY B 76 -11.18 -3.82 -20.97
N ALA B 77 -10.27 -3.87 -21.93
CA ALA B 77 -9.07 -4.69 -21.85
C ALA B 77 -7.84 -3.81 -21.66
N VAL B 78 -6.90 -4.31 -20.86
CA VAL B 78 -5.64 -3.62 -20.58
C VAL B 78 -4.50 -4.62 -20.70
N ALA B 79 -3.45 -4.23 -21.43
CA ALA B 79 -2.25 -5.04 -21.57
C ALA B 79 -1.11 -4.37 -20.81
N ILE B 80 -0.42 -5.14 -19.98
CA ILE B 80 0.66 -4.64 -19.14
C ILE B 80 1.95 -5.34 -19.53
N SER B 81 3.01 -4.56 -19.72
CA SER B 81 4.31 -5.08 -20.10
C SER B 81 5.32 -4.90 -18.97
N PRO B 82 6.22 -5.87 -18.77
CA PRO B 82 7.27 -5.69 -17.76
C PRO B 82 8.43 -4.84 -18.30
N GLY B 83 9.52 -4.76 -17.54
CA GLY B 83 10.66 -3.96 -17.91
C GLY B 83 11.85 -4.79 -18.35
N TYR B 84 13.01 -4.15 -18.35
CA TYR B 84 14.24 -4.80 -18.78
C TYR B 84 14.58 -5.97 -17.87
N THR B 85 14.88 -7.12 -18.48
CA THR B 85 15.23 -8.37 -17.79
C THR B 85 14.16 -8.83 -16.82
N ALA B 86 12.91 -8.41 -17.01
CA ALA B 86 11.81 -8.76 -16.13
C ALA B 86 10.83 -9.69 -16.82
N THR B 87 10.10 -10.44 -16.01
CA THR B 87 9.06 -11.34 -16.48
C THR B 87 7.71 -10.91 -15.88
N GLN B 88 6.71 -11.79 -15.98
CA GLN B 88 5.38 -11.47 -15.48
C GLN B 88 5.38 -11.28 -13.97
N SER B 89 6.29 -11.95 -13.26
CA SER B 89 6.28 -11.89 -11.79
C SER B 89 6.51 -10.49 -11.27
N SER B 90 7.13 -9.60 -12.05
CA SER B 90 7.39 -8.24 -11.61
C SER B 90 6.18 -7.34 -11.75
N ILE B 91 5.15 -7.75 -12.48
CA ILE B 91 3.95 -6.94 -12.67
C ILE B 91 2.72 -7.77 -12.38
N ALA B 92 2.91 -8.94 -11.77
CA ALA B 92 1.81 -9.87 -11.56
C ALA B 92 0.75 -9.30 -10.63
N TRP B 93 1.16 -8.53 -9.61
CA TRP B 93 0.21 -8.00 -8.64
C TRP B 93 -0.79 -7.04 -9.28
N LEU B 94 -0.45 -6.45 -10.42
CA LEU B 94 -1.37 -5.55 -11.11
C LEU B 94 -2.55 -6.30 -11.74
N GLY B 95 -2.38 -7.58 -12.05
CA GLY B 95 -3.44 -8.37 -12.65
C GLY B 95 -4.70 -8.43 -11.82
N PRO B 96 -4.64 -9.12 -10.67
CA PRO B 96 -5.84 -9.20 -9.82
C PRO B 96 -6.29 -7.86 -9.26
N ARG B 97 -5.36 -6.91 -9.09
CA ARG B 97 -5.73 -5.61 -8.53
C ARG B 97 -6.65 -4.85 -9.48
N LEU B 98 -6.25 -4.72 -10.75
CA LEU B 98 -7.04 -3.96 -11.70
C LEU B 98 -8.27 -4.74 -12.17
N ALA B 99 -8.13 -6.05 -12.37
CA ALA B 99 -9.24 -6.85 -12.87
C ALA B 99 -10.39 -6.92 -11.88
N SER B 100 -10.10 -6.84 -10.58
CA SER B 100 -11.14 -6.91 -9.57
C SER B 100 -12.05 -5.69 -9.55
N HIS B 101 -11.71 -4.64 -10.30
CA HIS B 101 -12.55 -3.45 -10.40
C HIS B 101 -13.33 -3.40 -11.70
N GLY B 102 -13.17 -4.37 -12.58
CA GLY B 102 -13.96 -4.43 -13.79
C GLY B 102 -13.16 -4.25 -15.07
N PHE B 103 -12.09 -5.02 -15.23
CA PHE B 103 -11.27 -4.95 -16.44
C PHE B 103 -10.72 -6.33 -16.74
N VAL B 104 -10.48 -6.58 -18.03
CA VAL B 104 -9.78 -7.77 -18.48
C VAL B 104 -8.31 -7.38 -18.65
N VAL B 105 -7.45 -7.88 -17.77
CA VAL B 105 -6.05 -7.50 -17.72
C VAL B 105 -5.20 -8.68 -18.13
N ILE B 106 -4.21 -8.44 -18.98
CA ILE B 106 -3.23 -9.45 -19.37
C ILE B 106 -1.84 -8.94 -19.03
N THR B 107 -1.10 -9.72 -18.24
CA THR B 107 0.29 -9.43 -17.93
C THR B 107 1.16 -10.29 -18.85
N ILE B 108 1.85 -9.65 -19.78
CA ILE B 108 2.50 -10.35 -20.87
C ILE B 108 3.96 -10.58 -20.54
N ASP B 109 4.55 -11.56 -21.21
CA ASP B 109 6.00 -11.73 -21.27
C ASP B 109 6.49 -11.28 -22.64
N THR B 110 7.70 -10.75 -22.67
CA THR B 110 8.29 -10.31 -23.93
C THR B 110 8.98 -11.46 -24.63
N ASN B 111 9.21 -11.28 -25.93
CA ASN B 111 9.89 -12.31 -26.72
C ASN B 111 11.27 -12.62 -26.13
N THR B 112 12.02 -11.58 -25.80
CA THR B 112 13.23 -11.70 -24.99
C THR B 112 13.15 -10.67 -23.87
N THR B 113 13.79 -10.98 -22.75
CA THR B 113 13.78 -10.07 -21.62
C THR B 113 14.61 -8.81 -21.86
N PHE B 114 15.35 -8.75 -22.96
CA PHE B 114 16.17 -7.59 -23.29
C PHE B 114 15.54 -6.72 -24.38
N ASP B 115 14.25 -6.91 -24.67
CA ASP B 115 13.61 -6.14 -25.73
C ASP B 115 13.55 -4.66 -25.36
N GLN B 116 13.76 -3.81 -26.35
CA GLN B 116 13.77 -2.37 -26.17
C GLN B 116 12.34 -1.83 -26.18
N PRO B 117 12.13 -0.59 -25.70
CA PRO B 117 10.76 -0.06 -25.60
C PRO B 117 9.95 -0.13 -26.89
N ASP B 118 10.54 0.22 -28.03
CA ASP B 118 9.79 0.20 -29.28
C ASP B 118 9.33 -1.21 -29.63
N SER B 119 10.15 -2.22 -29.32
CA SER B 119 9.74 -3.59 -29.55
C SER B 119 8.61 -3.99 -28.60
N ARG B 120 8.70 -3.58 -27.34
CA ARG B 120 7.65 -3.91 -26.38
C ARG B 120 6.34 -3.21 -26.71
N ALA B 121 6.41 -2.08 -27.43
CA ALA B 121 5.19 -1.39 -27.86
C ALA B 121 4.40 -2.26 -28.82
N ARG B 122 5.08 -2.88 -29.80
CA ARG B 122 4.39 -3.75 -30.74
C ARG B 122 3.85 -5.00 -30.06
N GLN B 123 4.51 -5.46 -29.01
CA GLN B 123 4.04 -6.65 -28.30
C GLN B 123 2.83 -6.34 -27.42
N LEU B 124 2.70 -5.09 -26.95
CA LEU B 124 1.51 -4.69 -26.21
C LEU B 124 0.27 -4.73 -27.10
N MET B 125 0.41 -4.24 -28.35
CA MET B 125 -0.72 -4.28 -29.27
C MET B 125 -1.04 -5.70 -29.72
N ALA B 126 0.00 -6.52 -29.90
CA ALA B 126 -0.24 -7.91 -30.28
C ALA B 126 -0.96 -8.68 -29.18
N ALA B 127 -0.70 -8.33 -27.91
CA ALA B 127 -1.43 -8.96 -26.82
C ALA B 127 -2.89 -8.51 -26.79
N LEU B 128 -3.15 -7.23 -27.08
CA LEU B 128 -4.51 -6.76 -27.19
C LEU B 128 -5.25 -7.42 -28.35
N ASN B 129 -4.53 -7.73 -29.43
CA ASN B 129 -5.14 -8.43 -30.55
C ASN B 129 -5.56 -9.84 -30.17
N TYR B 130 -4.73 -10.52 -29.35
CA TYR B 130 -5.09 -11.86 -28.89
C TYR B 130 -6.31 -11.84 -27.99
N LEU B 131 -6.42 -10.80 -27.15
CA LEU B 131 -7.56 -10.71 -26.23
C LEU B 131 -8.87 -10.57 -26.99
N VAL B 132 -8.87 -9.75 -28.04
CA VAL B 132 -10.12 -9.43 -28.74
C VAL B 132 -10.52 -10.56 -29.69
N ASN B 133 -9.55 -11.16 -30.37
CA ASN B 133 -9.86 -12.07 -31.47
C ASN B 133 -9.69 -13.55 -31.12
N ARG B 134 -8.76 -13.91 -30.23
CA ARG B 134 -8.42 -15.31 -30.02
C ARG B 134 -8.57 -15.79 -28.59
N SER B 135 -8.60 -14.90 -27.60
CA SER B 135 -8.64 -15.34 -26.21
C SER B 135 -9.98 -16.00 -25.90
N SER B 136 -9.97 -16.85 -24.87
CA SER B 136 -11.17 -17.57 -24.45
C SER B 136 -12.16 -16.66 -23.73
N VAL B 137 -11.78 -15.44 -23.37
CA VAL B 137 -12.66 -14.50 -22.69
C VAL B 137 -12.97 -13.30 -23.58
N ARG B 138 -12.85 -13.46 -24.90
CA ARG B 138 -13.08 -12.35 -25.82
C ARG B 138 -14.53 -11.87 -25.81
N SER B 139 -15.48 -12.73 -25.43
CA SER B 139 -16.88 -12.33 -25.36
C SER B 139 -17.15 -11.39 -24.20
N ARG B 140 -16.23 -11.26 -23.25
CA ARG B 140 -16.39 -10.35 -22.12
C ARG B 140 -15.69 -9.01 -22.33
N ILE B 141 -15.07 -8.80 -23.49
CA ILE B 141 -14.25 -7.62 -23.75
C ILE B 141 -14.97 -6.73 -24.74
N ASP B 142 -15.01 -5.43 -24.45
CA ASP B 142 -15.43 -4.43 -25.42
C ASP B 142 -14.21 -4.05 -26.25
N SER B 143 -14.18 -4.51 -27.51
CA SER B 143 -13.00 -4.34 -28.35
C SER B 143 -12.72 -2.87 -28.67
N SER B 144 -13.68 -1.98 -28.45
CA SER B 144 -13.51 -0.56 -28.76
C SER B 144 -12.89 0.23 -27.61
N ARG B 145 -12.68 -0.40 -26.45
CA ARG B 145 -12.16 0.28 -25.26
C ARG B 145 -10.97 -0.50 -24.73
N LEU B 146 -9.77 -0.12 -25.18
CA LEU B 146 -8.54 -0.79 -24.80
C LEU B 146 -7.56 0.21 -24.19
N ALA B 147 -6.58 -0.33 -23.46
CA ALA B 147 -5.58 0.50 -22.79
C ALA B 147 -4.28 -0.30 -22.69
N VAL B 148 -3.20 0.42 -22.39
CA VAL B 148 -1.87 -0.17 -22.28
C VAL B 148 -1.18 0.37 -21.05
N MET B 149 -0.41 -0.50 -20.38
CA MET B 149 0.42 -0.11 -19.25
C MET B 149 1.75 -0.82 -19.36
N GLY B 150 2.73 -0.34 -18.60
CA GLY B 150 4.05 -0.94 -18.63
C GLY B 150 4.95 -0.30 -17.59
N HIS B 151 5.99 -1.06 -17.23
CA HIS B 151 6.97 -0.62 -16.25
C HIS B 151 8.33 -0.48 -16.92
N SER B 152 8.99 0.66 -16.68
CA SER B 152 10.34 0.95 -17.17
C SER B 152 10.33 0.88 -18.69
N MET B 153 11.06 -0.05 -19.32
CA MET B 153 11.02 -0.14 -20.79
C MET B 153 9.63 -0.47 -21.28
N GLY B 154 8.85 -1.23 -20.50
CA GLY B 154 7.45 -1.43 -20.83
C GLY B 154 6.65 -0.15 -20.76
N GLY B 155 7.03 0.76 -19.87
CA GLY B 155 6.38 2.06 -19.84
C GLY B 155 6.75 2.91 -21.04
N GLY B 156 8.00 2.80 -21.50
CA GLY B 156 8.37 3.46 -22.74
C GLY B 156 7.64 2.89 -23.93
N GLY B 157 7.40 1.58 -23.93
CA GLY B 157 6.58 0.98 -24.97
C GLY B 157 5.13 1.42 -24.89
N THR B 158 4.65 1.72 -23.69
CA THR B 158 3.28 2.23 -23.55
C THR B 158 3.13 3.58 -24.23
N LEU B 159 4.14 4.45 -24.11
CA LEU B 159 4.09 5.74 -24.79
C LEU B 159 4.14 5.57 -26.29
N ARG B 160 5.00 4.67 -26.79
CA ARG B 160 5.09 4.46 -28.23
C ARG B 160 3.82 3.82 -28.78
N ALA B 161 3.25 2.85 -28.04
CA ALA B 161 2.01 2.23 -28.49
C ALA B 161 0.87 3.24 -28.52
N ALA B 162 0.81 4.13 -27.52
CA ALA B 162 -0.22 5.15 -27.50
C ALA B 162 -0.06 6.14 -28.65
N GLU B 163 1.18 6.44 -29.03
CA GLU B 163 1.41 7.38 -30.13
C GLU B 163 1.02 6.76 -31.47
N ASP B 164 1.31 5.48 -31.66
CA ASP B 164 1.04 4.79 -32.92
C ASP B 164 -0.38 4.23 -32.99
N ASN B 165 -1.11 4.22 -31.89
CA ASN B 165 -2.48 3.70 -31.86
C ASN B 165 -3.35 4.70 -31.08
N PRO B 166 -3.81 5.76 -31.74
CA PRO B 166 -4.59 6.78 -31.03
C PRO B 166 -6.00 6.36 -30.67
N SER B 167 -6.45 5.18 -31.10
CA SER B 167 -7.75 4.66 -30.70
C SER B 167 -7.75 4.12 -29.28
N LEU B 168 -6.59 3.99 -28.65
CA LEU B 168 -6.52 3.53 -27.27
C LEU B 168 -7.17 4.56 -26.34
N LYS B 169 -7.76 4.06 -25.27
CA LYS B 169 -8.49 4.92 -24.34
C LYS B 169 -7.64 5.43 -23.18
N ALA B 170 -6.57 4.73 -22.82
CA ALA B 170 -5.74 5.14 -21.70
C ALA B 170 -4.36 4.53 -21.83
N ALA B 171 -3.38 5.20 -21.23
CA ALA B 171 -2.00 4.73 -21.20
C ALA B 171 -1.38 5.13 -19.88
N ILE B 172 -0.74 4.17 -19.20
CA ILE B 172 -0.14 4.44 -17.90
C ILE B 172 1.30 3.93 -17.88
N PRO B 173 2.28 4.76 -18.23
CA PRO B 173 3.70 4.35 -18.11
C PRO B 173 4.17 4.47 -16.66
N LEU B 174 4.63 3.35 -16.11
CA LEU B 174 5.12 3.31 -14.73
C LEU B 174 6.64 3.40 -14.74
N THR B 175 7.17 4.48 -14.17
CA THR B 175 8.59 4.79 -14.19
C THR B 175 9.19 4.55 -15.58
N PRO B 176 8.71 5.26 -16.60
CA PRO B 176 9.04 4.87 -17.98
C PRO B 176 10.49 5.14 -18.33
N TRP B 177 11.00 4.33 -19.27
CA TRP B 177 12.34 4.47 -19.80
C TRP B 177 12.26 4.45 -21.33
N HIS B 178 12.87 5.46 -21.95
CA HIS B 178 12.86 5.55 -23.41
C HIS B 178 13.93 6.54 -23.84
N THR B 179 14.58 6.25 -24.97
CA THR B 179 15.54 7.18 -25.55
C THR B 179 14.85 8.35 -26.22
N ASN B 180 13.63 8.16 -26.72
CA ASN B 180 12.87 9.25 -27.32
C ASN B 180 12.20 10.07 -26.24
N LYS B 181 12.43 11.38 -26.25
CA LYS B 181 11.90 12.28 -25.24
C LYS B 181 10.72 13.12 -25.72
N ASN B 182 10.42 13.10 -27.01
CA ASN B 182 9.35 13.92 -27.59
C ASN B 182 8.14 13.05 -27.86
N TRP B 183 7.06 13.29 -27.14
CA TRP B 183 5.79 12.59 -27.30
C TRP B 183 4.66 13.57 -27.58
N SER B 184 4.92 14.55 -28.45
CA SER B 184 3.95 15.59 -28.77
C SER B 184 2.84 15.12 -29.71
N SER B 185 2.81 13.84 -30.06
CA SER B 185 1.77 13.29 -30.93
C SER B 185 0.85 12.31 -30.21
N VAL B 186 1.08 12.07 -28.92
CA VAL B 186 0.22 11.15 -28.18
C VAL B 186 -1.11 11.82 -27.90
N ARG B 187 -2.20 11.21 -28.39
CA ARG B 187 -3.54 11.71 -28.17
C ARG B 187 -4.33 10.86 -27.19
N VAL B 188 -3.68 9.94 -26.50
CA VAL B 188 -4.32 9.01 -25.57
C VAL B 188 -4.15 9.54 -24.16
N PRO B 189 -5.21 9.57 -23.34
CA PRO B 189 -5.06 10.00 -21.94
C PRO B 189 -3.98 9.24 -21.21
N THR B 190 -2.90 9.93 -20.85
CA THR B 190 -1.70 9.30 -20.33
C THR B 190 -1.45 9.73 -18.90
N LEU B 191 -1.23 8.75 -18.01
CA LEU B 191 -0.86 9.00 -16.62
C LEU B 191 0.54 8.44 -16.40
N ILE B 192 1.51 9.33 -16.21
CA ILE B 192 2.90 8.96 -15.99
C ILE B 192 3.16 8.91 -14.50
N ILE B 193 3.69 7.79 -14.02
CA ILE B 193 4.05 7.62 -12.61
C ILE B 193 5.56 7.51 -12.52
N GLY B 194 6.18 8.46 -11.83
CA GLY B 194 7.62 8.48 -11.67
C GLY B 194 8.08 8.27 -10.24
N ALA B 195 9.32 7.83 -10.07
CA ALA B 195 9.91 7.62 -8.75
C ALA B 195 10.91 8.74 -8.48
N GLU B 196 10.80 9.36 -7.30
CA GLU B 196 11.63 10.52 -6.98
C GLU B 196 13.11 10.15 -7.00
N ASN B 197 13.47 9.03 -6.37
CA ASN B 197 14.86 8.58 -6.28
C ASN B 197 15.21 7.54 -7.34
N ASP B 198 14.61 7.64 -8.52
CA ASP B 198 14.89 6.68 -9.59
C ASP B 198 16.30 6.88 -10.11
N THR B 199 17.13 5.85 -9.98
CA THR B 199 18.51 5.90 -10.45
C THR B 199 18.73 5.18 -11.77
N ILE B 200 17.74 4.43 -12.24
CA ILE B 200 17.82 3.72 -13.51
C ILE B 200 17.17 4.51 -14.64
N ALA B 201 15.95 4.99 -14.42
CA ALA B 201 15.24 5.86 -15.35
C ALA B 201 14.94 7.17 -14.62
N PRO B 202 15.94 8.04 -14.47
CA PRO B 202 15.73 9.26 -13.67
C PRO B 202 14.62 10.13 -14.25
N VAL B 203 13.78 10.63 -13.36
CA VAL B 203 12.61 11.42 -13.78
C VAL B 203 13.05 12.71 -14.46
N SER B 204 14.23 13.23 -14.09
CA SER B 204 14.72 14.47 -14.68
C SER B 204 15.03 14.32 -16.17
N SER B 205 15.33 13.11 -16.63
CA SER B 205 15.63 12.87 -18.04
C SER B 205 14.64 11.92 -18.71
N HIS B 206 13.68 11.38 -17.96
CA HIS B 206 12.72 10.44 -18.54
C HIS B 206 11.29 10.88 -18.28
N ALA B 207 10.78 10.60 -17.08
CA ALA B 207 9.36 10.78 -16.80
C ALA B 207 8.92 12.22 -17.01
N LYS B 208 9.72 13.18 -16.54
CA LYS B 208 9.33 14.59 -16.68
C LYS B 208 9.38 15.07 -18.12
N PRO B 209 10.46 14.86 -18.88
CA PRO B 209 10.43 15.27 -20.30
C PRO B 209 9.33 14.60 -21.10
N PHE B 210 8.90 13.40 -20.70
CA PHE B 210 7.78 12.77 -21.38
C PHE B 210 6.48 13.54 -21.14
N TYR B 211 6.21 13.86 -19.87
CA TYR B 211 4.97 14.56 -19.53
C TYR B 211 4.98 15.99 -20.09
N ASN B 212 6.14 16.64 -20.08
CA ASN B 212 6.21 18.01 -20.56
C ASN B 212 6.01 18.10 -22.07
N SER B 213 6.41 17.06 -22.80
CA SER B 213 6.24 17.05 -24.25
C SER B 213 4.84 16.65 -24.69
N LEU B 214 4.01 16.15 -23.78
CA LEU B 214 2.66 15.76 -24.13
C LEU B 214 1.85 16.98 -24.58
N PRO B 215 0.94 16.81 -25.54
CA PRO B 215 0.16 17.95 -26.03
C PRO B 215 -0.78 18.47 -24.96
N SER B 216 -1.07 19.77 -25.06
CA SER B 216 -1.99 20.40 -24.11
C SER B 216 -3.42 19.92 -24.26
N SER B 217 -3.80 19.45 -25.45
CA SER B 217 -5.16 18.99 -25.71
C SER B 217 -5.41 17.55 -25.27
N THR B 218 -4.39 16.87 -24.74
CA THR B 218 -4.53 15.48 -24.30
C THR B 218 -4.60 15.41 -22.79
N PRO B 219 -5.59 14.73 -22.21
CA PRO B 219 -5.62 14.56 -20.76
C PRO B 219 -4.37 13.85 -20.27
N LYS B 220 -3.69 14.49 -19.31
CA LYS B 220 -2.42 13.96 -18.85
C LYS B 220 -2.28 14.23 -17.35
N ALA B 221 -1.39 13.46 -16.72
CA ALA B 221 -1.09 13.62 -15.31
C ALA B 221 0.27 13.03 -15.02
N TYR B 222 1.01 13.67 -14.12
CA TYR B 222 2.31 13.19 -13.67
C TYR B 222 2.27 12.99 -12.16
N LEU B 223 2.40 11.74 -11.73
CA LEU B 223 2.38 11.39 -10.31
C LEU B 223 3.75 10.91 -9.90
N GLU B 224 4.41 11.64 -9.00
CA GLU B 224 5.74 11.31 -8.52
C GLU B 224 5.64 10.69 -7.13
N LEU B 225 6.20 9.50 -6.97
CA LEU B 225 6.19 8.81 -5.69
C LEU B 225 7.34 9.32 -4.82
N ASN B 226 7.01 9.80 -3.63
CA ASN B 226 8.01 10.41 -2.76
C ASN B 226 8.96 9.34 -2.21
N GLY B 227 10.26 9.55 -2.42
CA GLY B 227 11.27 8.67 -1.88
C GLY B 227 11.28 7.26 -2.43
N ALA B 228 10.55 6.99 -3.50
CA ALA B 228 10.48 5.65 -4.07
C ALA B 228 11.66 5.40 -5.01
N SER B 229 11.88 4.13 -5.32
CA SER B 229 12.94 3.69 -6.21
C SER B 229 12.35 3.25 -7.54
N HIS B 230 13.24 2.82 -8.45
CA HIS B 230 12.80 2.40 -9.78
C HIS B 230 11.89 1.19 -9.73
N PHE B 231 12.08 0.32 -8.73
CA PHE B 231 11.33 -0.93 -8.63
C PHE B 231 10.10 -0.82 -7.73
N ALA B 232 9.66 0.40 -7.43
CA ALA B 232 8.42 0.57 -6.67
C ALA B 232 7.21 -0.08 -7.33
N PRO B 233 7.02 -0.01 -8.66
CA PRO B 233 5.86 -0.69 -9.25
C PRO B 233 5.96 -2.21 -9.25
N ASN B 234 7.10 -2.78 -8.85
CA ASN B 234 7.28 -4.22 -8.88
C ASN B 234 6.72 -4.93 -7.66
N SER B 235 6.15 -4.20 -6.71
CA SER B 235 5.49 -4.79 -5.56
C SER B 235 4.17 -4.07 -5.32
N SER B 236 3.29 -4.72 -4.56
CA SER B 236 1.97 -4.17 -4.28
C SER B 236 2.08 -2.78 -3.66
N ASN B 237 1.61 -1.77 -4.39
CA ASN B 237 1.70 -0.37 -3.97
C ASN B 237 0.30 0.22 -3.92
N THR B 238 -0.07 0.78 -2.77
CA THR B 238 -1.42 1.33 -2.61
C THR B 238 -1.61 2.56 -3.48
N THR B 239 -0.60 3.43 -3.57
CA THR B 239 -0.73 4.65 -4.36
C THR B 239 -0.81 4.33 -5.85
N ILE B 240 0.04 3.42 -6.33
CA ILE B 240 0.03 3.06 -7.74
C ILE B 240 -1.28 2.38 -8.12
N GLY B 241 -1.77 1.47 -7.28
CA GLY B 241 -3.00 0.78 -7.58
C GLY B 241 -4.22 1.70 -7.56
N LYS B 242 -4.25 2.63 -6.62
CA LYS B 242 -5.40 3.52 -6.49
C LYS B 242 -5.55 4.43 -7.71
N TYR B 243 -4.44 5.04 -8.15
CA TYR B 243 -4.51 6.00 -9.24
C TYR B 243 -4.61 5.31 -10.60
N SER B 244 -4.05 4.11 -10.74
CA SER B 244 -4.20 3.36 -11.99
C SER B 244 -5.65 2.94 -12.20
N ILE B 245 -6.34 2.55 -11.13
CA ILE B 245 -7.75 2.19 -11.23
C ILE B 245 -8.59 3.41 -11.58
N ALA B 246 -8.34 4.54 -10.90
CA ALA B 246 -9.10 5.74 -11.16
C ALA B 246 -8.87 6.25 -12.58
N TRP B 247 -7.63 6.15 -13.07
CA TRP B 247 -7.34 6.60 -14.43
C TRP B 247 -8.03 5.72 -15.46
N LEU B 248 -7.92 4.39 -15.30
CA LEU B 248 -8.56 3.48 -16.25
C LEU B 248 -10.07 3.62 -16.20
N LYS B 249 -10.63 3.79 -15.00
CA LYS B 249 -12.08 3.98 -14.89
C LYS B 249 -12.52 5.28 -15.55
N ARG B 250 -11.73 6.34 -15.40
CA ARG B 250 -12.13 7.65 -15.89
C ARG B 250 -12.15 7.72 -17.41
N PHE B 251 -11.25 7.01 -18.08
CA PHE B 251 -11.07 7.15 -19.51
C PHE B 251 -11.44 5.92 -20.32
N VAL B 252 -11.14 4.71 -19.82
CA VAL B 252 -11.55 3.51 -20.54
C VAL B 252 -13.05 3.31 -20.39
N ASP B 253 -13.60 3.61 -19.21
CA ASP B 253 -15.02 3.47 -18.96
C ASP B 253 -15.78 4.79 -19.02
N ASN B 254 -15.08 5.90 -19.24
CA ASN B 254 -15.65 7.24 -19.19
C ASN B 254 -16.37 7.52 -17.86
N ASP B 255 -15.96 6.82 -16.81
CA ASP B 255 -16.64 6.87 -15.52
C ASP B 255 -16.20 8.12 -14.78
N THR B 256 -17.06 9.13 -14.76
CA THR B 256 -16.76 10.37 -14.04
C THR B 256 -16.89 10.23 -12.53
N ARG B 257 -17.38 9.08 -12.04
CA ARG B 257 -17.43 8.85 -10.61
C ARG B 257 -16.03 8.74 -10.00
N TYR B 258 -15.02 8.46 -10.80
CA TYR B 258 -13.65 8.31 -10.34
C TYR B 258 -12.81 9.57 -10.53
N SER B 259 -13.44 10.66 -10.97
CA SER B 259 -12.72 11.93 -11.11
C SER B 259 -12.30 12.50 -9.75
N GLN B 260 -12.99 12.10 -8.67
CA GLN B 260 -12.69 12.63 -7.35
C GLN B 260 -11.33 12.18 -6.82
N PHE B 261 -10.75 11.12 -7.40
CA PHE B 261 -9.48 10.59 -6.93
C PHE B 261 -8.29 11.08 -7.73
N LEU B 262 -8.51 12.02 -8.66
CA LEU B 262 -7.45 12.49 -9.55
C LEU B 262 -7.11 13.96 -9.31
N CYS B 263 -7.39 14.46 -8.11
N CYS B 263 -7.42 14.47 -8.12
CA CYS B 263 -7.12 15.87 -7.78
CA CYS B 263 -7.10 15.88 -7.79
C CYS B 263 -6.47 15.92 -6.40
C CYS B 263 -6.47 15.92 -6.40
N PRO B 264 -5.28 15.31 -6.20
CA PRO B 264 -4.69 15.21 -4.87
C PRO B 264 -3.91 16.47 -4.49
N ALA B 265 -3.70 16.61 -3.18
CA ALA B 265 -2.79 17.62 -2.64
C ALA B 265 -1.51 16.92 -2.20
N PRO B 266 -0.37 17.20 -2.82
CA PRO B 266 0.86 16.49 -2.46
C PRO B 266 1.25 16.66 -1.00
N HIS B 267 0.98 17.82 -0.41
N HIS B 267 0.98 17.82 -0.41
CA HIS B 267 1.32 18.03 1.00
CA HIS B 267 1.32 18.04 0.98
C HIS B 267 0.48 17.16 1.93
C HIS B 267 0.46 17.22 1.95
N ASP B 268 -0.66 16.66 1.46
CA ASP B 268 -1.54 15.84 2.29
C ASP B 268 -1.35 14.35 2.07
N ASP B 269 -0.49 13.95 1.13
CA ASP B 269 -0.20 12.54 0.86
C ASP B 269 1.30 12.34 0.96
N SER B 270 1.73 11.56 1.95
CA SER B 270 3.16 11.33 2.16
C SER B 270 3.79 10.55 1.01
N ALA B 271 3.01 9.77 0.27
CA ALA B 271 3.54 8.99 -0.84
C ALA B 271 3.66 9.80 -2.13
N ILE B 272 3.14 11.03 -2.16
CA ILE B 272 3.17 11.87 -3.35
C ILE B 272 4.06 13.07 -3.06
N SER B 273 5.15 13.18 -3.81
CA SER B 273 6.02 14.34 -3.70
C SER B 273 5.71 15.42 -4.72
N GLU B 274 4.96 15.10 -5.77
CA GLU B 274 4.67 16.03 -6.84
C GLU B 274 3.53 15.48 -7.69
N TYR B 275 2.65 16.37 -8.14
CA TYR B 275 1.52 15.96 -8.98
C TYR B 275 1.15 17.11 -9.90
N ARG B 276 1.24 16.87 -11.21
CA ARG B 276 0.77 17.80 -12.22
C ARG B 276 -0.34 17.12 -13.03
N SER B 277 -1.32 17.91 -13.45
CA SER B 277 -2.43 17.35 -14.23
C SER B 277 -3.15 18.47 -14.96
N THR B 278 -3.50 18.21 -16.21
CA THR B 278 -4.33 19.12 -16.99
C THR B 278 -5.43 18.32 -17.68
N CSO B 279 -6.68 18.79 -17.53
CA CSO B 279 -7.81 18.10 -18.12
CB CSO B 279 -8.77 17.62 -17.02
SG CSO B 279 -8.83 15.82 -16.97
C CSO B 279 -8.55 18.97 -19.11
O CSO B 279 -9.32 19.85 -18.72
OD CSO B 279 -8.16 15.19 -15.44
N PRO B 280 -8.33 18.74 -20.42
CA PRO B 280 -9.00 19.49 -21.48
C PRO B 280 -10.51 19.27 -21.47
N TYR B 281 -10.94 18.05 -21.15
CA TYR B 281 -12.35 17.74 -21.01
C TYR B 281 -12.59 16.86 -19.79
C1 PEG C . 19.35 -4.98 17.06
O1 PEG C . 19.16 -6.31 16.62
C2 PEG C . 18.19 -4.51 17.91
O2 PEG C . 17.99 -3.12 17.69
C3 PEG C . 18.79 -2.30 18.55
C4 PEG C . 18.48 -0.86 18.27
O4 PEG C . 19.25 -0.01 19.11
NA NA D . -20.00 -1.96 21.83
NA NA E . 16.81 -8.50 2.60
C1 EDO F . 17.43 -14.15 21.88
O1 EDO F . 17.37 -14.05 23.30
C2 EDO F . 16.91 -12.86 21.25
O2 EDO F . 17.71 -11.75 21.69
C1 EDO G . -12.16 10.26 26.48
O1 EDO G . -11.89 9.70 25.20
C2 EDO G . -13.20 9.41 27.20
O2 EDO G . -14.44 9.47 26.50
C1 EDO H . -5.27 -22.35 17.21
O1 EDO H . -6.61 -22.74 17.55
C2 EDO H . -4.31 -22.78 18.31
O2 EDO H . -2.97 -22.43 17.93
C1 PEG I . -3.75 -4.92 -32.63
O1 PEG I . -2.97 -5.17 -33.79
C2 PEG I . -4.82 -3.91 -32.89
O2 PEG I . -5.95 -4.18 -32.06
C3 PEG I . -6.70 -5.30 -32.52
C4 PEG I . -7.92 -5.45 -31.66
O4 PEG I . -8.83 -4.38 -31.86
NA NA J . 3.66 14.52 0.23
NA NA K . 5.24 -16.10 -29.17
NA NA L . -12.75 7.30 -23.49
S SO4 M . -24.79 -2.05 -9.33
O1 SO4 M . -24.64 -2.51 -10.70
O2 SO4 M . -24.12 -0.76 -9.15
O3 SO4 M . -26.22 -1.90 -9.03
O4 SO4 M . -24.21 -3.03 -8.42
C1 EDO N . 2.50 21.33 -23.05
O1 EDO N . 2.92 20.36 -22.08
C2 EDO N . 3.32 21.17 -24.33
O2 EDO N . 4.71 21.35 -24.04
#